data_6FAX
#
_entry.id   6FAX
#
_cell.length_a   158.753
_cell.length_b   158.753
_cell.length_c   93.622
_cell.angle_alpha   90.00
_cell.angle_beta   90.00
_cell.angle_gamma   120.00
#
_symmetry.space_group_name_H-M   'P 31 2 1'
#
loop_
_entity.id
_entity.type
_entity.pdbx_description
1 polymer 'Lob 7.4 light chain'
2 polymer 'Lob 7.4 heavy chain'
3 polymer 'Tumor necrosis factor receptor superfamily member 5'
4 water water
#
loop_
_entity_poly.entity_id
_entity_poly.type
_entity_poly.pdbx_seq_one_letter_code
_entity_poly.pdbx_strand_id
1 'polypeptide(L)'
;DIQMTQTTSSLSASLGDRVTITCSASQGINNYLNWYQQKPDGTVKLLIYYTSSLHSGVPSRFSGSGSGTDYSLTISNLEP
EDIATYYCQQYSNLPYTFGGGTKLEIKRTVAAPSVFIFPPSDEQLKSGTASVVCLLNNFYPREAKVQWKVDNALQSGNSQ
ESVTEQDSKDSTYSLSSTLTLSKADYEKHKVYACEVTHQGLSSPVTKSFNRGEC
;
L
2 'polypeptide(L)'
;EVQLQQSGPDLVKPGASVKISCKTSGYTFTEYIMHWVKQSHGKSLEWIGGIIPNNGGTSYNQKFKDKATMTVDKSSSTGY
MELRSLTSEDSAVYYCTRREVYGRNYYALDYWGQGTLVTVSSASTKGPSVFPLAPSSKSTSGGTAALGCLVKDYFPEPVT
VSWNSGALTSGVHTFPAVLQSSGLYSLSSVVTVPSSSLGTQTYICNVNHKPSNTKVDKKVEPKCCDKTHTCPPCPAPELL
;
H
3 'polypeptide(L)'
;EPPTACREKQYLINSQCCSLCQPGQKLVSDCTEFTETECLPCGESEFLDTWNRETHCHQHKYCDPNLGLRVQQKGTSETD
TICTCEEGWHCTSEACESCVLHRSCSPGFGVKQIATGVSDTICEPCPVGFFSNVSSAFEKCHPWTSCETKDLVVQQAGTN
KTDVVCGPQDRLR
;
R
#
# COMPACT_ATOMS: atom_id res chain seq x y z
N ASP A 1 -20.19 4.75 -9.59
CA ASP A 1 -18.75 4.68 -9.23
C ASP A 1 -18.45 3.27 -9.59
N ILE A 2 -17.32 3.03 -10.22
CA ILE A 2 -17.01 1.65 -10.59
C ILE A 2 -16.47 0.93 -9.36
N GLN A 3 -17.15 -0.13 -8.87
CA GLN A 3 -16.68 -0.90 -7.68
C GLN A 3 -15.64 -1.91 -8.13
N MET A 4 -14.46 -1.85 -7.55
CA MET A 4 -13.37 -2.74 -7.92
C MET A 4 -13.24 -3.84 -6.90
N THR A 5 -13.50 -5.08 -7.25
CA THR A 5 -13.38 -6.16 -6.27
C THR A 5 -12.15 -7.05 -6.40
N GLN A 6 -11.31 -6.98 -5.37
CA GLN A 6 -10.21 -7.90 -5.22
C GLN A 6 -10.81 -8.90 -4.30
N THR A 7 -10.99 -10.11 -4.80
CA THR A 7 -11.87 -11.03 -4.14
C THR A 7 -11.28 -11.80 -2.95
N THR A 8 -9.95 -11.70 -2.80
CA THR A 8 -9.20 -12.48 -1.84
C THR A 8 -8.52 -11.47 -0.92
N SER A 9 -8.92 -11.42 0.35
CA SER A 9 -8.40 -10.39 1.27
C SER A 9 -6.96 -10.71 1.58
N SER A 10 -6.67 -11.98 1.86
CA SER A 10 -5.29 -12.41 2.00
C SER A 10 -5.06 -13.87 1.62
N LEU A 11 -3.79 -14.19 1.48
CA LEU A 11 -3.37 -15.51 1.04
C LEU A 11 -1.89 -15.61 1.31
N SER A 12 -1.42 -16.84 1.48
CA SER A 12 -0.01 -17.07 1.75
C SER A 12 0.51 -18.12 0.80
N ALA A 13 1.78 -18.02 0.41
CA ALA A 13 2.41 -18.98 -0.50
C ALA A 13 3.89 -19.21 -0.22
N SER A 14 4.39 -20.38 -0.62
CA SER A 14 5.80 -20.72 -0.35
C SER A 14 6.68 -19.87 -1.24
N LEU A 15 7.91 -19.56 -0.81
CA LEU A 15 8.87 -18.87 -1.72
C LEU A 15 9.03 -19.64 -3.02
N GLY A 16 9.42 -18.94 -4.08
CA GLY A 16 9.45 -19.54 -5.42
C GLY A 16 8.16 -20.11 -6.06
N ASP A 17 6.99 -20.16 -5.39
CA ASP A 17 5.65 -20.37 -6.05
C ASP A 17 5.24 -19.18 -6.94
N ARG A 18 4.18 -19.37 -7.76
CA ARG A 18 3.51 -18.28 -8.53
C ARG A 18 2.22 -17.97 -7.80
N VAL A 19 1.93 -16.70 -7.62
CA VAL A 19 0.64 -16.29 -7.07
C VAL A 19 -0.06 -15.40 -8.09
N THR A 20 -1.37 -15.51 -8.11
CA THR A 20 -2.16 -14.68 -9.02
C THR A 20 -3.12 -13.90 -8.13
N ILE A 21 -3.19 -12.59 -8.28
CA ILE A 21 -4.15 -11.79 -7.51
C ILE A 21 -5.21 -11.25 -8.47
N THR A 22 -6.47 -11.32 -8.07
CA THR A 22 -7.54 -11.01 -8.99
C THR A 22 -8.27 -9.75 -8.60
N CYS A 23 -8.67 -9.03 -9.64
CA CYS A 23 -9.36 -7.77 -9.59
C CYS A 23 -10.40 -7.79 -10.67
N SER A 24 -11.66 -7.72 -10.28
CA SER A 24 -12.78 -7.56 -11.20
C SER A 24 -13.44 -6.20 -10.98
N ALA A 25 -14.02 -5.67 -12.04
CA ALA A 25 -14.65 -4.37 -12.00
C ALA A 25 -16.15 -4.48 -12.13
N SER A 26 -16.89 -3.66 -11.40
CA SER A 26 -18.37 -3.68 -11.50
C SER A 26 -18.92 -3.52 -12.92
N GLN A 27 -18.08 -3.05 -13.85
CA GLN A 27 -18.35 -2.94 -15.30
C GLN A 27 -17.04 -2.82 -16.08
N GLY A 28 -17.11 -2.87 -17.39
CA GLY A 28 -15.91 -2.97 -18.19
C GLY A 28 -15.14 -1.69 -18.11
N ILE A 29 -13.81 -1.83 -18.12
CA ILE A 29 -12.89 -0.71 -18.01
C ILE A 29 -11.84 -0.64 -19.15
N ASN A 30 -12.06 -1.40 -20.24
CA ASN A 30 -11.23 -1.31 -21.46
C ASN A 30 -9.70 -1.23 -21.11
N ASN A 31 -9.29 -2.03 -20.13
CA ASN A 31 -7.88 -2.17 -19.68
C ASN A 31 -7.30 -0.99 -18.88
N TYR A 32 -8.14 -0.01 -18.56
CA TYR A 32 -7.70 1.24 -17.96
C TYR A 32 -7.52 0.99 -16.46
N LEU A 33 -6.34 0.45 -16.10
CA LEU A 33 -6.09 -0.11 -14.76
C LEU A 33 -4.64 -0.09 -14.36
N ASN A 34 -4.35 0.34 -13.13
CA ASN A 34 -3.00 0.25 -12.57
C ASN A 34 -3.00 -0.69 -11.36
N TRP A 35 -1.82 -1.15 -10.96
CA TRP A 35 -1.63 -2.03 -9.79
C TRP A 35 -0.62 -1.41 -8.86
N TYR A 36 -0.91 -1.36 -7.56
CA TYR A 36 -0.02 -0.74 -6.56
C TYR A 36 0.40 -1.75 -5.55
N GLN A 37 1.50 -1.46 -4.86
CA GLN A 37 2.07 -2.32 -3.84
C GLN A 37 2.40 -1.53 -2.58
N GLN A 38 1.63 -1.78 -1.53
CA GLN A 38 1.82 -1.17 -0.23
C GLN A 38 2.56 -2.12 0.66
N LYS A 39 3.80 -1.81 1.00
CA LYS A 39 4.60 -2.68 1.91
C LYS A 39 4.06 -2.47 3.32
N PRO A 40 4.45 -3.32 4.29
CA PRO A 40 3.91 -3.23 5.64
C PRO A 40 4.05 -1.89 6.30
N ASP A 41 5.17 -1.22 6.11
CA ASP A 41 5.38 0.17 6.63
C ASP A 41 4.52 1.30 6.03
N GLY A 42 3.66 0.99 5.06
CA GLY A 42 2.76 1.98 4.48
C GLY A 42 3.22 2.74 3.26
N THR A 43 4.45 2.44 2.78
CA THR A 43 4.95 3.08 1.56
C THR A 43 4.23 2.41 0.39
N VAL A 44 3.76 3.22 -0.53
CA VAL A 44 3.03 2.79 -1.71
C VAL A 44 3.92 2.97 -2.95
N LYS A 45 4.09 1.93 -3.74
CA LYS A 45 4.84 2.02 -4.99
C LYS A 45 3.92 1.60 -6.15
N LEU A 46 4.10 2.22 -7.30
CA LEU A 46 3.50 1.71 -8.51
C LEU A 46 4.29 0.50 -8.95
N LEU A 47 3.53 -0.49 -9.42
CA LEU A 47 4.04 -1.70 -9.99
C LEU A 47 3.75 -1.80 -11.50
N ILE A 48 2.48 -1.66 -11.86
CA ILE A 48 2.02 -1.92 -13.20
C ILE A 48 0.96 -0.93 -13.61
N TYR A 49 1.12 -0.30 -14.77
CA TYR A 49 0.18 0.68 -15.32
C TYR A 49 -0.31 0.18 -16.68
N TYR A 50 -1.48 0.67 -17.12
CA TYR A 50 -2.22 0.20 -18.34
C TYR A 50 -2.18 -1.34 -18.46
N THR A 51 -2.80 -2.00 -17.47
CA THR A 51 -3.04 -3.46 -17.38
C THR A 51 -1.82 -4.37 -17.14
N SER A 52 -0.72 -4.05 -17.83
CA SER A 52 0.44 -4.91 -18.01
C SER A 52 1.88 -4.26 -18.12
N SER A 53 2.02 -2.94 -18.15
CA SER A 53 3.36 -2.34 -18.25
C SER A 53 4.07 -2.15 -16.92
N LEU A 54 5.24 -2.76 -16.75
CA LEU A 54 6.07 -2.54 -15.55
C LEU A 54 6.60 -1.14 -15.43
N HIS A 55 6.57 -0.63 -14.21
CA HIS A 55 7.14 0.65 -13.86
C HIS A 55 8.65 0.42 -13.66
N SER A 56 9.41 1.51 -13.72
CA SER A 56 10.87 1.59 -13.50
C SER A 56 11.49 0.36 -12.87
N GLY A 57 11.43 0.22 -11.55
CA GLY A 57 12.25 -0.79 -10.90
C GLY A 57 11.77 -2.23 -10.89
N VAL A 58 10.57 -2.47 -11.32
CA VAL A 58 9.90 -3.71 -10.97
C VAL A 58 10.50 -4.97 -11.63
N PRO A 59 10.77 -6.00 -10.85
CA PRO A 59 11.25 -7.24 -11.49
C PRO A 59 10.36 -7.92 -12.53
N SER A 60 11.01 -8.60 -13.47
CA SER A 60 10.36 -9.47 -14.46
C SER A 60 9.31 -10.41 -13.83
N ARG A 61 9.47 -10.75 -12.55
CA ARG A 61 8.57 -11.72 -11.90
C ARG A 61 7.10 -11.31 -12.01
N PHE A 62 6.93 -9.98 -11.98
CA PHE A 62 5.66 -9.30 -11.96
C PHE A 62 5.08 -9.08 -13.35
N SER A 63 3.78 -9.30 -13.48
CA SER A 63 3.11 -9.13 -14.76
C SER A 63 1.58 -9.00 -14.61
N GLY A 64 0.99 -8.28 -15.54
CA GLY A 64 -0.43 -8.00 -15.46
C GLY A 64 -1.08 -8.47 -16.70
N SER A 65 -2.08 -9.30 -16.55
CA SER A 65 -2.94 -9.60 -17.62
C SER A 65 -4.28 -8.96 -17.27
N GLY A 66 -5.24 -9.28 -18.14
CA GLY A 66 -6.64 -8.90 -17.98
C GLY A 66 -7.29 -8.34 -19.24
N SER A 67 -8.61 -8.24 -19.18
CA SER A 67 -9.34 -7.55 -20.22
C SER A 67 -10.75 -7.34 -19.71
N GLY A 68 -11.48 -6.45 -20.36
CA GLY A 68 -12.89 -6.26 -20.08
C GLY A 68 -13.10 -5.96 -18.61
N THR A 69 -13.59 -6.97 -17.91
CA THR A 69 -13.98 -6.79 -16.54
C THR A 69 -13.08 -7.45 -15.51
N ASP A 70 -12.28 -8.44 -15.95
CA ASP A 70 -11.49 -9.30 -15.05
C ASP A 70 -10.01 -9.19 -15.35
N TYR A 71 -9.23 -8.87 -14.31
CA TYR A 71 -7.78 -8.59 -14.43
C TYR A 71 -6.99 -9.42 -13.44
N SER A 72 -5.70 -9.62 -13.73
CA SER A 72 -4.79 -10.40 -12.89
C SER A 72 -3.42 -9.77 -12.74
N LEU A 73 -2.95 -9.71 -11.49
CA LEU A 73 -1.51 -9.51 -11.14
C LEU A 73 -0.89 -10.83 -10.82
N THR A 74 0.28 -11.09 -11.39
CA THR A 74 0.90 -12.42 -11.25
C THR A 74 2.37 -12.27 -10.86
N ILE A 75 2.75 -12.94 -9.78
CA ILE A 75 4.13 -12.91 -9.31
C ILE A 75 4.57 -14.31 -9.43
N SER A 76 5.53 -14.57 -10.29
CA SER A 76 6.05 -15.94 -10.47
C SER A 76 7.35 -15.90 -9.72
N ASN A 77 7.85 -17.04 -9.22
CA ASN A 77 9.03 -17.06 -8.31
C ASN A 77 8.91 -16.05 -7.20
N LEU A 78 8.19 -16.44 -6.18
CA LEU A 78 7.95 -15.54 -5.08
C LEU A 78 9.22 -15.33 -4.25
N GLU A 79 9.45 -14.10 -3.85
CA GLU A 79 10.61 -13.75 -3.06
C GLU A 79 10.19 -13.29 -1.65
N PRO A 80 11.06 -13.45 -0.64
CA PRO A 80 10.67 -13.11 0.73
C PRO A 80 10.20 -11.65 0.97
N GLU A 81 10.61 -10.76 0.05
CA GLU A 81 10.35 -9.32 0.12
C GLU A 81 9.17 -8.90 -0.73
N ASP A 82 8.43 -9.85 -1.29
CA ASP A 82 7.18 -9.54 -1.97
C ASP A 82 6.02 -9.28 -1.02
N ILE A 83 6.21 -9.46 0.28
CA ILE A 83 5.13 -9.27 1.23
C ILE A 83 4.61 -7.84 1.16
N ALA A 84 3.35 -7.72 0.87
CA ALA A 84 2.74 -6.41 0.82
C ALA A 84 1.23 -6.54 0.68
N THR A 85 0.57 -5.41 0.64
CA THR A 85 -0.73 -5.41 0.09
C THR A 85 -0.73 -4.87 -1.34
N TYR A 86 -1.31 -5.66 -2.24
CA TYR A 86 -1.49 -5.36 -3.65
C TYR A 86 -2.88 -4.76 -3.87
N TYR A 87 -2.94 -3.65 -4.60
CA TYR A 87 -4.19 -2.89 -4.82
C TYR A 87 -4.34 -2.55 -6.30
N CYS A 88 -5.52 -2.77 -6.88
CA CYS A 88 -5.77 -2.37 -8.25
C CYS A 88 -6.63 -1.12 -8.28
N GLN A 89 -6.43 -0.27 -9.28
CA GLN A 89 -7.15 1.01 -9.42
C GLN A 89 -7.53 1.21 -10.86
N GLN A 90 -8.71 1.79 -11.06
CA GLN A 90 -9.25 2.05 -12.40
C GLN A 90 -9.29 3.52 -12.72
N TYR A 91 -9.07 3.82 -13.99
CA TYR A 91 -9.11 5.17 -14.50
C TYR A 91 -10.00 5.31 -15.70
N SER A 92 -10.99 4.44 -15.83
CA SER A 92 -11.90 4.52 -16.94
C SER A 92 -12.85 5.65 -16.71
N ASN A 93 -13.34 5.75 -15.49
CA ASN A 93 -14.40 6.69 -15.20
C ASN A 93 -14.13 7.28 -13.77
N LEU A 94 -14.44 8.56 -13.55
CA LEU A 94 -14.34 9.17 -12.21
C LEU A 94 -15.53 8.82 -11.29
N PRO A 95 -15.32 8.68 -9.98
CA PRO A 95 -14.02 8.82 -9.33
C PRO A 95 -13.19 7.62 -9.56
N TYR A 96 -11.87 7.88 -9.54
CA TYR A 96 -10.86 6.86 -9.61
C TYR A 96 -11.21 5.98 -8.42
N THR A 97 -11.19 4.65 -8.57
CA THR A 97 -11.47 3.73 -7.44
C THR A 97 -10.50 2.59 -7.30
N PHE A 98 -10.33 2.10 -6.08
CA PHE A 98 -9.37 1.05 -5.80
C PHE A 98 -10.04 -0.24 -5.30
N GLY A 99 -9.37 -1.38 -5.50
CA GLY A 99 -9.76 -2.65 -4.88
C GLY A 99 -9.64 -2.68 -3.36
N GLY A 100 -10.23 -3.69 -2.74
CA GLY A 100 -10.15 -3.84 -1.29
C GLY A 100 -8.74 -4.10 -0.76
N GLY A 101 -7.93 -4.72 -1.57
CA GLY A 101 -6.57 -5.00 -1.18
C GLY A 101 -6.44 -6.50 -1.16
N THR A 102 -5.23 -6.97 -1.47
CA THR A 102 -4.89 -8.35 -1.26
C THR A 102 -3.51 -8.42 -0.59
N LYS A 103 -3.51 -8.93 0.65
CA LYS A 103 -2.34 -9.00 1.48
C LYS A 103 -1.69 -10.32 1.19
N LEU A 104 -0.41 -10.29 0.87
CA LEU A 104 0.33 -11.51 0.49
C LEU A 104 1.39 -11.78 1.54
N GLU A 105 1.34 -12.99 2.10
CA GLU A 105 2.27 -13.40 3.12
C GLU A 105 3.08 -14.58 2.68
N ILE A 106 4.24 -14.80 3.28
CA ILE A 106 5.00 -16.01 3.02
C ILE A 106 4.69 -17.19 3.96
N LYS A 107 4.46 -18.35 3.35
CA LYS A 107 4.49 -19.66 4.00
C LYS A 107 5.96 -20.11 4.11
N ARG A 108 6.37 -20.48 5.30
CA ARG A 108 7.79 -20.75 5.58
C ARG A 108 7.84 -21.94 6.54
N THR A 109 9.04 -22.52 6.73
CA THR A 109 9.18 -23.61 7.75
C THR A 109 8.86 -23.13 9.15
N VAL A 110 8.45 -24.06 10.00
CA VAL A 110 8.35 -23.78 11.41
C VAL A 110 9.68 -23.23 11.88
N ALA A 111 9.59 -22.29 12.80
CA ALA A 111 10.75 -21.64 13.37
C ALA A 111 10.48 -21.24 14.80
N ALA A 112 11.30 -21.70 15.74
CA ALA A 112 11.03 -21.51 17.15
C ALA A 112 11.56 -20.17 17.67
N PRO A 113 10.86 -19.56 18.64
CA PRO A 113 11.27 -18.24 19.09
C PRO A 113 12.42 -18.27 20.04
N SER A 114 13.36 -17.35 19.89
CA SER A 114 14.20 -16.94 21.01
C SER A 114 13.28 -16.21 21.99
N VAL A 115 13.43 -16.50 23.29
CA VAL A 115 12.64 -15.85 24.35
C VAL A 115 13.52 -15.05 25.28
N PHE A 116 12.97 -13.94 25.75
CA PHE A 116 13.69 -13.07 26.68
C PHE A 116 12.70 -12.38 27.59
N ILE A 117 13.16 -12.03 28.77
CA ILE A 117 12.29 -11.44 29.75
C ILE A 117 13.01 -10.27 30.31
N PHE A 118 12.26 -9.22 30.59
CA PHE A 118 12.82 -7.95 30.96
C PHE A 118 12.14 -7.41 32.23
N PRO A 119 12.94 -7.22 33.27
CA PRO A 119 12.41 -6.72 34.49
C PRO A 119 12.12 -5.20 34.29
N PRO A 120 11.29 -4.57 35.13
CA PRO A 120 11.06 -3.13 34.95
C PRO A 120 12.29 -2.32 35.20
N SER A 121 12.43 -1.17 34.57
CA SER A 121 13.58 -0.32 34.85
C SER A 121 13.43 0.21 36.26
N ASP A 122 14.53 0.34 36.99
CA ASP A 122 14.56 1.08 38.27
C ASP A 122 13.80 2.40 38.08
N GLU A 123 14.12 3.06 36.98
CA GLU A 123 13.58 4.36 36.71
C GLU A 123 12.05 4.40 36.62
N GLN A 124 11.49 3.42 35.96
CA GLN A 124 10.05 3.36 35.79
C GLN A 124 9.39 3.13 37.14
N LEU A 125 9.98 2.26 37.95
CA LEU A 125 9.44 1.93 39.29
C LEU A 125 9.33 3.20 40.11
N LYS A 126 10.39 4.01 40.13
CA LYS A 126 10.32 5.34 40.73
C LYS A 126 8.96 6.06 40.47
N SER A 127 8.42 5.91 39.28
CA SER A 127 7.19 6.59 38.91
C SER A 127 5.89 5.92 39.36
N GLY A 128 5.95 4.80 40.06
CA GLY A 128 4.72 4.13 40.48
C GLY A 128 4.29 2.93 39.68
N THR A 129 4.92 2.63 38.53
CA THR A 129 4.52 1.48 37.69
C THR A 129 5.64 0.53 37.33
N ALA A 130 5.25 -0.70 37.04
CA ALA A 130 6.15 -1.78 36.70
C ALA A 130 5.62 -2.45 35.45
N SER A 131 6.31 -2.21 34.34
CA SER A 131 6.08 -2.94 33.10
C SER A 131 7.10 -4.12 33.00
N VAL A 132 6.58 -5.34 32.88
CA VAL A 132 7.42 -6.51 32.59
C VAL A 132 7.11 -6.98 31.19
N VAL A 133 8.14 -7.02 30.35
CA VAL A 133 7.94 -7.35 28.96
C VAL A 133 8.71 -8.60 28.70
N CYS A 134 8.04 -9.53 28.04
CA CYS A 134 8.63 -10.72 27.54
C CYS A 134 8.59 -10.72 25.99
N LEU A 135 9.75 -10.99 25.36
CA LEU A 135 9.96 -10.99 23.88
C LEU A 135 10.11 -12.42 23.30
N LEU A 136 9.31 -12.70 22.29
CA LEU A 136 9.46 -13.87 21.41
C LEU A 136 10.03 -13.32 20.11
N ASN A 137 11.27 -13.69 19.78
CA ASN A 137 11.97 -13.13 18.62
C ASN A 137 12.14 -14.16 17.51
N ASN A 138 11.73 -13.76 16.31
CA ASN A 138 12.00 -14.49 15.05
C ASN A 138 11.48 -15.91 15.03
N PHE A 139 10.17 -16.04 15.02
CA PHE A 139 9.52 -17.34 14.99
C PHE A 139 8.54 -17.38 13.84
N TYR A 140 7.99 -18.58 13.58
CA TYR A 140 6.97 -18.83 12.55
C TYR A 140 6.30 -20.13 12.91
N PRO A 141 4.97 -20.26 12.85
CA PRO A 141 4.02 -19.24 12.36
C PRO A 141 3.69 -18.18 13.42
N ARG A 142 2.79 -17.23 13.11
CA ARG A 142 2.52 -16.11 14.04
C ARG A 142 1.81 -16.58 15.30
N GLU A 143 1.05 -17.69 15.23
CA GLU A 143 0.21 -18.10 16.38
C GLU A 143 1.20 -18.47 17.50
N ALA A 144 1.19 -17.76 18.60
CA ALA A 144 1.94 -18.20 19.78
C ALA A 144 1.08 -17.92 20.99
N LYS A 145 1.14 -18.80 21.97
CA LYS A 145 0.46 -18.59 23.25
C LYS A 145 1.51 -18.13 24.28
N VAL A 146 1.24 -17.02 24.98
CA VAL A 146 2.05 -16.56 26.10
C VAL A 146 1.21 -16.46 27.39
N GLN A 147 1.74 -16.98 28.50
CA GLN A 147 1.07 -16.97 29.79
C GLN A 147 2.02 -16.39 30.75
N TRP A 148 1.54 -15.40 31.50
CA TRP A 148 2.35 -14.78 32.52
C TRP A 148 2.08 -15.53 33.84
N LYS A 149 3.12 -15.65 34.68
CA LYS A 149 3.03 -16.36 35.96
C LYS A 149 3.77 -15.64 37.06
N VAL A 150 2.97 -15.14 38.00
CA VAL A 150 3.47 -14.37 39.11
C VAL A 150 3.42 -15.30 40.29
N ASP A 151 4.57 -15.41 40.99
CA ASP A 151 4.87 -16.54 41.92
C ASP A 151 3.96 -17.72 41.56
N ASN A 152 4.23 -18.31 40.42
CA ASN A 152 3.49 -19.48 39.98
C ASN A 152 1.92 -19.40 39.82
N ALA A 153 1.30 -18.21 39.89
CA ALA A 153 -0.15 -18.04 39.54
C ALA A 153 -0.45 -17.26 38.21
N LEU A 154 -1.44 -17.76 37.44
CA LEU A 154 -1.71 -17.43 36.02
C LEU A 154 -2.57 -16.18 35.82
N GLN A 155 -2.10 -15.19 35.05
CA GLN A 155 -2.78 -13.90 34.93
C GLN A 155 -4.02 -13.83 34.03
N SER A 156 -4.96 -13.00 34.44
CA SER A 156 -6.19 -12.71 33.71
C SER A 156 -5.85 -11.38 33.10
N GLY A 157 -6.53 -11.01 32.00
CA GLY A 157 -6.30 -9.77 31.22
C GLY A 157 -5.76 -8.52 31.96
N ASN A 158 -4.52 -8.63 32.45
CA ASN A 158 -3.68 -7.52 32.96
C ASN A 158 -2.30 -7.39 32.17
N SER A 159 -2.34 -7.83 30.90
CA SER A 159 -1.19 -7.83 30.01
C SER A 159 -1.66 -7.78 28.55
N GLN A 160 -0.90 -7.13 27.66
CA GLN A 160 -1.26 -7.05 26.22
C GLN A 160 -0.06 -7.34 25.31
N GLU A 161 -0.39 -7.92 24.14
CA GLU A 161 0.64 -8.24 23.16
C GLU A 161 0.54 -7.44 21.86
N SER A 162 1.68 -7.32 21.22
CA SER A 162 1.83 -6.70 19.94
C SER A 162 2.70 -7.65 19.10
N VAL A 163 2.41 -7.71 17.79
CA VAL A 163 3.17 -8.53 16.85
C VAL A 163 3.65 -7.78 15.62
N THR A 164 4.85 -8.12 15.16
CA THR A 164 5.42 -7.42 14.02
C THR A 164 4.83 -7.92 12.72
N GLU A 165 5.15 -7.20 11.67
CA GLU A 165 4.82 -7.67 10.37
C GLU A 165 5.85 -8.68 9.97
N GLN A 166 5.50 -9.47 8.96
CA GLN A 166 6.42 -10.49 8.53
C GLN A 166 7.79 -9.89 8.10
N ASP A 167 8.92 -10.51 8.48
CA ASP A 167 10.23 -10.02 8.01
C ASP A 167 10.33 -10.24 6.50
N SER A 168 10.85 -9.22 5.84
CA SER A 168 11.06 -9.28 4.41
C SER A 168 12.39 -9.94 4.07
N LYS A 169 13.14 -10.45 5.05
CA LYS A 169 14.31 -11.30 4.79
C LYS A 169 14.06 -12.75 5.20
N ASP A 170 13.82 -12.99 6.50
CA ASP A 170 13.57 -14.36 7.00
C ASP A 170 12.12 -14.78 7.15
N SER A 171 11.20 -13.93 6.71
CA SER A 171 9.82 -14.35 6.65
C SER A 171 9.29 -14.81 8.02
N THR A 172 9.79 -14.18 9.09
CA THR A 172 9.39 -14.52 10.48
C THR A 172 8.70 -13.36 11.21
N TYR A 173 7.97 -13.71 12.25
CA TYR A 173 7.41 -12.73 13.17
C TYR A 173 8.18 -12.68 14.48
N SER A 174 7.91 -11.61 15.21
CA SER A 174 8.39 -11.41 16.56
C SER A 174 7.23 -10.76 17.31
N LEU A 175 7.19 -10.97 18.62
CA LEU A 175 6.03 -10.59 19.43
C LEU A 175 6.49 -10.13 20.79
N SER A 176 5.87 -9.06 21.33
CA SER A 176 6.09 -8.63 22.73
C SER A 176 4.82 -8.77 23.56
N SER A 177 4.88 -9.49 24.69
CA SER A 177 3.79 -9.43 25.71
C SER A 177 4.21 -8.52 26.81
N THR A 178 3.35 -7.63 27.23
CA THR A 178 3.72 -6.75 28.32
C THR A 178 2.75 -6.82 29.48
N LEU A 179 3.29 -7.20 30.65
CA LEU A 179 2.58 -7.26 31.94
C LEU A 179 2.76 -5.95 32.68
N THR A 180 1.65 -5.24 32.92
CA THR A 180 1.75 -3.93 33.57
C THR A 180 1.06 -3.98 34.93
N LEU A 181 1.79 -3.59 35.98
CA LEU A 181 1.38 -3.66 37.39
C LEU A 181 1.80 -2.44 38.18
N SER A 182 0.94 -2.01 39.10
CA SER A 182 1.25 -0.93 40.03
C SER A 182 2.43 -1.36 40.89
N LYS A 183 3.33 -0.41 41.18
CA LYS A 183 4.61 -0.71 41.82
C LYS A 183 4.38 -1.57 43.06
N ALA A 184 3.43 -1.09 43.88
CA ALA A 184 2.68 -1.87 44.88
C ALA A 184 2.66 -3.39 44.67
N ASP A 185 1.78 -3.90 43.79
CA ASP A 185 1.67 -5.36 43.54
C ASP A 185 2.98 -6.03 43.14
N TYR A 186 3.88 -5.29 42.49
CA TYR A 186 5.13 -5.89 41.97
C TYR A 186 6.06 -6.20 43.17
N GLU A 187 6.02 -5.32 44.18
CA GLU A 187 6.72 -5.53 45.46
C GLU A 187 6.15 -6.76 46.21
N LYS A 188 4.80 -6.87 46.21
CA LYS A 188 4.04 -7.99 46.83
C LYS A 188 4.67 -9.33 46.46
N HIS A 189 4.81 -9.59 45.18
CA HIS A 189 5.29 -10.87 44.64
C HIS A 189 6.87 -10.97 44.36
N LYS A 190 7.37 -12.22 44.13
CA LYS A 190 8.84 -12.54 43.94
C LYS A 190 9.32 -13.13 42.56
N VAL A 191 8.74 -14.26 42.17
CA VAL A 191 8.99 -14.93 40.86
C VAL A 191 8.08 -14.39 39.73
N TYR A 192 8.73 -13.83 38.71
CA TYR A 192 8.08 -13.32 37.50
C TYR A 192 8.47 -14.14 36.25
N ALA A 193 7.47 -14.61 35.51
CA ALA A 193 7.67 -15.71 34.55
C ALA A 193 6.85 -15.64 33.26
N CYS A 194 7.51 -16.02 32.17
CA CYS A 194 6.97 -15.97 30.86
C CYS A 194 6.97 -17.39 30.36
N GLU A 195 5.80 -17.94 30.06
CA GLU A 195 5.70 -19.32 29.54
C GLU A 195 5.16 -19.33 28.12
N VAL A 196 6.04 -19.70 27.18
CA VAL A 196 5.69 -19.72 25.76
C VAL A 196 5.35 -21.14 25.28
N THR A 197 4.24 -21.25 24.57
CA THR A 197 3.85 -22.42 23.85
C THR A 197 3.91 -22.08 22.37
N HIS A 198 4.46 -22.96 21.54
CA HIS A 198 4.65 -22.66 20.11
C HIS A 198 4.95 -23.87 19.26
N GLN A 199 4.41 -23.87 18.05
CA GLN A 199 4.36 -25.04 17.17
C GLN A 199 5.73 -25.66 16.92
N GLY A 200 6.80 -24.88 17.08
CA GLY A 200 8.20 -25.35 17.05
C GLY A 200 8.95 -25.40 18.37
N LEU A 201 8.24 -25.75 19.44
CA LEU A 201 8.85 -26.25 20.69
C LEU A 201 8.07 -27.51 21.07
N SER A 202 8.73 -28.61 21.46
CA SER A 202 8.00 -29.86 21.81
C SER A 202 7.34 -29.61 23.18
N SER A 203 8.10 -29.04 24.09
CA SER A 203 7.58 -28.66 25.37
C SER A 203 7.75 -27.15 25.53
N PRO A 204 6.71 -26.49 26.10
CA PRO A 204 6.72 -25.09 26.52
C PRO A 204 8.03 -24.61 27.14
N VAL A 205 8.37 -23.36 26.91
CA VAL A 205 9.62 -22.77 27.41
C VAL A 205 9.24 -21.68 28.38
N THR A 206 10.02 -21.54 29.45
CA THR A 206 9.80 -20.48 30.39
C THR A 206 11.02 -19.65 30.65
N LYS A 207 10.84 -18.35 30.81
CA LYS A 207 11.89 -17.51 31.40
C LYS A 207 11.29 -16.84 32.63
N SER A 208 12.19 -16.45 33.56
CA SER A 208 11.88 -16.02 34.94
C SER A 208 12.88 -15.01 35.43
N PHE A 209 12.52 -14.26 36.48
CA PHE A 209 13.54 -13.54 37.29
C PHE A 209 12.99 -13.33 38.71
N ASN A 210 13.80 -12.68 39.57
CA ASN A 210 13.41 -12.45 40.97
C ASN A 210 13.50 -11.01 41.53
N ARG A 211 12.32 -10.47 41.95
CA ARG A 211 12.11 -9.21 42.73
C ARG A 211 10.63 -8.65 42.69
N GLU B 1 16.94 12.15 -7.08
CA GLU B 1 15.72 11.41 -7.42
C GLU B 1 14.51 12.38 -7.29
N VAL B 2 13.41 11.91 -7.86
CA VAL B 2 12.07 12.44 -7.59
C VAL B 2 11.68 12.06 -6.15
N GLN B 3 11.17 13.01 -5.38
CA GLN B 3 10.63 12.72 -4.05
C GLN B 3 9.45 13.61 -3.72
N LEU B 4 8.52 13.07 -2.93
CA LEU B 4 7.41 13.88 -2.42
C LEU B 4 7.45 13.79 -0.91
N GLN B 5 7.53 14.95 -0.28
CA GLN B 5 7.84 15.07 1.15
C GLN B 5 6.61 15.72 1.77
N GLN B 6 5.75 14.87 2.31
CA GLN B 6 4.56 15.39 2.95
C GLN B 6 4.91 15.91 4.37
N SER B 7 4.01 16.73 4.89
CA SER B 7 4.16 17.26 6.20
C SER B 7 4.13 16.11 7.24
N GLY B 8 4.85 16.32 8.34
CA GLY B 8 4.68 15.49 9.52
C GLY B 8 3.24 15.48 10.08
N PRO B 9 3.02 14.61 11.11
CA PRO B 9 1.70 14.25 11.65
C PRO B 9 1.07 15.32 12.44
N ASP B 10 -0.25 15.37 12.39
CA ASP B 10 -1.03 16.45 12.92
C ASP B 10 -2.13 15.87 13.83
N LEU B 11 -2.35 16.52 14.96
CA LEU B 11 -3.41 16.17 15.92
C LEU B 11 -4.32 17.36 15.96
N VAL B 12 -5.61 17.23 15.75
CA VAL B 12 -6.45 18.40 15.52
C VAL B 12 -7.83 18.15 16.11
N LYS B 13 -8.53 19.18 16.57
CA LYS B 13 -9.78 18.93 17.32
C LYS B 13 -10.93 18.75 16.34
N PRO B 14 -12.00 18.10 16.76
CA PRO B 14 -13.27 18.14 15.98
C PRO B 14 -13.69 19.54 15.63
N GLY B 15 -14.36 19.73 14.50
CA GLY B 15 -14.76 21.07 14.04
C GLY B 15 -13.71 21.87 13.27
N ALA B 16 -12.43 21.71 13.68
CA ALA B 16 -11.28 22.43 13.06
C ALA B 16 -10.95 22.03 11.60
N SER B 17 -9.99 22.75 11.06
CA SER B 17 -9.37 22.41 9.81
C SER B 17 -7.96 21.99 10.07
N VAL B 18 -7.35 21.41 9.04
CA VAL B 18 -5.90 21.14 9.01
C VAL B 18 -5.50 21.19 7.53
N LYS B 19 -4.29 21.70 7.25
CA LYS B 19 -3.75 21.76 5.89
C LYS B 19 -2.47 20.95 5.90
N ILE B 20 -2.33 19.98 4.98
CA ILE B 20 -1.11 19.15 4.87
C ILE B 20 -0.42 19.46 3.54
N SER B 21 0.84 19.09 3.41
CA SER B 21 1.63 19.70 2.37
C SER B 21 2.53 18.71 1.67
N CYS B 22 2.32 18.56 0.38
CA CYS B 22 3.22 17.76 -0.42
C CYS B 22 4.19 18.71 -1.08
N LYS B 23 5.50 18.40 -0.97
CA LYS B 23 6.59 19.23 -1.45
C LYS B 23 7.52 18.41 -2.33
N THR B 24 7.51 18.75 -3.62
CA THR B 24 8.06 17.93 -4.69
C THR B 24 9.48 18.33 -5.00
N SER B 25 10.19 17.49 -5.74
CA SER B 25 11.54 17.82 -6.18
C SER B 25 12.13 16.70 -7.04
N GLY B 26 13.12 17.06 -7.86
CA GLY B 26 13.71 16.14 -8.85
C GLY B 26 12.88 16.10 -10.14
N TYR B 27 11.93 17.05 -10.26
CA TYR B 27 10.97 17.00 -11.33
C TYR B 27 10.25 18.30 -11.43
N THR B 28 9.66 18.51 -12.59
CA THR B 28 9.06 19.78 -12.93
C THR B 28 7.65 19.84 -12.42
N PHE B 29 7.40 20.74 -11.49
CA PHE B 29 6.16 20.70 -10.73
C PHE B 29 4.87 20.83 -11.54
N THR B 30 5.00 21.47 -12.68
CA THR B 30 3.87 21.89 -13.46
C THR B 30 3.43 20.84 -14.46
N GLU B 31 4.35 19.91 -14.75
CA GLU B 31 4.10 18.82 -15.69
C GLU B 31 3.40 17.60 -15.12
N TYR B 32 2.98 17.67 -13.85
CA TYR B 32 2.28 16.57 -13.26
C TYR B 32 1.17 17.09 -12.36
N ILE B 33 0.06 16.35 -12.41
CA ILE B 33 -1.11 16.59 -11.56
C ILE B 33 -0.79 16.04 -10.18
N MET B 34 -1.09 16.83 -9.15
CA MET B 34 -1.05 16.38 -7.74
C MET B 34 -2.38 15.70 -7.46
N HIS B 35 -2.34 14.41 -7.06
CA HIS B 35 -3.52 13.66 -6.57
C HIS B 35 -3.42 13.32 -5.06
N TRP B 36 -4.55 13.29 -4.38
CA TRP B 36 -4.61 12.98 -2.94
C TRP B 36 -5.48 11.75 -2.68
N VAL B 37 -4.97 10.90 -1.80
CA VAL B 37 -5.57 9.63 -1.49
C VAL B 37 -5.65 9.49 0.05
N LYS B 38 -6.78 8.97 0.54
CA LYS B 38 -7.03 8.68 1.96
C LYS B 38 -6.85 7.19 2.26
N GLN B 39 -6.36 6.85 3.46
CA GLN B 39 -6.41 5.47 3.98
C GLN B 39 -6.68 5.46 5.48
N SER B 40 -7.95 5.23 5.83
CA SER B 40 -8.38 4.95 7.20
C SER B 40 -7.64 3.71 7.71
N HIS B 41 -7.32 3.63 9.02
CA HIS B 41 -6.47 2.53 9.56
C HIS B 41 -7.07 1.21 9.14
N GLY B 42 -6.25 0.36 8.53
CA GLY B 42 -6.65 -0.99 8.04
C GLY B 42 -7.77 -1.10 7.01
N LYS B 43 -7.77 -0.18 6.04
CA LYS B 43 -8.79 -0.12 5.00
C LYS B 43 -8.15 0.19 3.67
N SER B 44 -9.01 0.35 2.67
CA SER B 44 -8.52 0.57 1.34
C SER B 44 -8.06 2.01 1.13
N LEU B 45 -7.48 2.19 -0.03
CA LEU B 45 -7.18 3.49 -0.56
C LEU B 45 -8.45 4.13 -1.13
N GLU B 46 -8.72 5.40 -0.81
CA GLU B 46 -9.80 6.17 -1.44
C GLU B 46 -9.20 7.39 -2.17
N TRP B 47 -9.67 7.65 -3.40
CA TRP B 47 -9.19 8.82 -4.12
C TRP B 47 -9.97 10.07 -3.65
N ILE B 48 -9.27 11.14 -3.27
CA ILE B 48 -9.97 12.37 -2.88
C ILE B 48 -10.13 13.22 -4.12
N GLY B 49 -9.02 13.47 -4.78
CA GLY B 49 -9.07 14.34 -5.94
C GLY B 49 -7.72 14.64 -6.52
N GLY B 50 -7.76 15.42 -7.59
CA GLY B 50 -6.53 15.84 -8.25
C GLY B 50 -6.59 17.30 -8.62
N ILE B 51 -5.42 17.96 -8.63
CA ILE B 51 -5.30 19.33 -9.10
C ILE B 51 -4.17 19.51 -10.12
N ILE B 52 -4.47 20.31 -11.15
CA ILE B 52 -3.53 20.63 -12.21
C ILE B 52 -2.89 21.99 -11.92
N PRO B 53 -1.55 22.06 -11.89
CA PRO B 53 -0.87 23.32 -11.60
C PRO B 53 -1.17 24.55 -12.51
N ASN B 54 -1.22 24.41 -13.84
CA ASN B 54 -1.41 25.59 -14.73
C ASN B 54 -2.84 26.13 -14.81
N ASN B 55 -3.80 25.25 -15.01
CA ASN B 55 -5.22 25.63 -14.91
C ASN B 55 -5.62 26.04 -13.51
N GLY B 56 -4.90 25.57 -12.48
CA GLY B 56 -5.43 25.45 -11.11
C GLY B 56 -6.75 24.68 -11.10
N GLY B 57 -6.90 23.75 -12.05
CA GLY B 57 -8.18 23.10 -12.33
C GLY B 57 -8.23 21.83 -11.51
N THR B 58 -9.45 21.38 -11.17
CA THR B 58 -9.65 20.30 -10.20
C THR B 58 -10.80 19.32 -10.43
N SER B 59 -10.53 18.05 -10.10
CA SER B 59 -11.55 17.01 -9.95
C SER B 59 -11.56 16.44 -8.52
N TYR B 60 -12.75 16.30 -7.97
CA TYR B 60 -12.97 15.92 -6.59
C TYR B 60 -13.96 14.76 -6.58
N ASN B 61 -13.56 13.63 -6.05
CA ASN B 61 -14.54 12.60 -5.63
C ASN B 61 -15.73 13.24 -4.89
N GLN B 62 -16.98 12.97 -5.27
CA GLN B 62 -18.12 13.57 -4.51
C GLN B 62 -18.06 13.24 -3.03
N LYS B 63 -17.57 12.06 -2.64
CA LYS B 63 -17.50 11.69 -1.21
C LYS B 63 -16.81 12.83 -0.42
N PHE B 64 -15.93 13.61 -1.05
CA PHE B 64 -15.12 14.62 -0.38
C PHE B 64 -15.37 16.04 -0.81
N LYS B 65 -16.46 16.36 -1.52
CA LYS B 65 -16.60 17.75 -2.08
C LYS B 65 -16.66 18.78 -0.95
N ASP B 66 -17.39 18.46 0.12
CA ASP B 66 -17.46 19.34 1.29
C ASP B 66 -16.39 19.12 2.38
N LYS B 67 -15.34 18.33 2.12
CA LYS B 67 -14.25 18.10 3.09
C LYS B 67 -12.94 18.74 2.69
N ALA B 68 -12.71 18.72 1.40
CA ALA B 68 -11.40 18.76 0.84
C ALA B 68 -11.25 19.96 -0.06
N THR B 69 -10.07 20.57 0.00
CA THR B 69 -9.73 21.66 -0.90
C THR B 69 -8.26 21.56 -1.26
N MET B 70 -8.01 21.37 -2.55
CA MET B 70 -6.63 21.26 -3.01
C MET B 70 -6.22 22.60 -3.57
N THR B 71 -4.96 22.96 -3.31
CA THR B 71 -4.37 24.16 -3.89
C THR B 71 -2.94 23.87 -4.13
N VAL B 72 -2.31 24.84 -4.79
CA VAL B 72 -0.98 24.70 -5.28
C VAL B 72 -0.26 26.02 -5.12
N ASP B 73 1.06 25.94 -4.93
CA ASP B 73 1.93 27.09 -4.87
C ASP B 73 3.10 26.79 -5.82
N LYS B 74 2.99 27.36 -7.02
CA LYS B 74 3.81 26.91 -8.16
C LYS B 74 5.26 27.26 -7.90
N SER B 75 5.48 28.40 -7.21
CA SER B 75 6.83 28.91 -6.83
C SER B 75 7.70 28.01 -5.94
N SER B 76 7.14 27.51 -4.83
CA SER B 76 7.86 26.57 -3.95
C SER B 76 7.79 25.10 -4.42
N SER B 77 7.08 24.85 -5.54
CA SER B 77 6.78 23.50 -6.07
C SER B 77 6.24 22.55 -4.95
N THR B 78 5.08 22.96 -4.46
CA THR B 78 4.43 22.41 -3.29
C THR B 78 2.89 22.44 -3.49
N GLY B 79 2.25 21.30 -3.23
CA GLY B 79 0.80 21.23 -3.22
C GLY B 79 0.31 21.20 -1.77
N TYR B 80 -0.88 21.74 -1.56
CA TYR B 80 -1.55 21.69 -0.30
C TYR B 80 -2.85 20.97 -0.52
N MET B 81 -3.33 20.40 0.57
CA MET B 81 -4.69 19.94 0.72
C MET B 81 -5.20 20.34 2.09
N GLU B 82 -6.47 20.71 2.18
CA GLU B 82 -6.99 21.20 3.42
C GLU B 82 -8.33 20.59 3.71
N LEU B 83 -8.34 19.83 4.82
CA LEU B 83 -9.54 19.12 5.32
C LEU B 83 -10.19 19.98 6.36
N ARG B 84 -11.49 20.16 6.23
CA ARG B 84 -12.26 21.10 7.02
C ARG B 84 -13.41 20.43 7.70
N SER B 85 -13.88 21.01 8.80
CA SER B 85 -15.14 20.59 9.41
C SER B 85 -14.91 19.20 10.01
N LEU B 86 -13.71 19.04 10.60
CA LEU B 86 -13.20 17.73 10.99
C LEU B 86 -13.98 16.95 12.03
N THR B 87 -14.17 15.67 11.73
CA THR B 87 -14.68 14.69 12.67
C THR B 87 -13.70 13.52 12.71
N SER B 88 -14.07 12.44 13.37
CA SER B 88 -13.11 11.37 13.53
C SER B 88 -13.14 10.41 12.37
N GLU B 89 -14.18 10.44 11.53
CA GLU B 89 -14.12 9.74 10.24
C GLU B 89 -12.86 10.15 9.46
N ASP B 90 -12.34 11.35 9.75
CA ASP B 90 -11.23 11.89 9.00
C ASP B 90 -9.87 11.54 9.54
N SER B 91 -9.80 10.93 10.74
CA SER B 91 -8.48 10.47 11.23
C SER B 91 -8.06 9.35 10.29
N ALA B 92 -6.88 9.48 9.68
CA ALA B 92 -6.40 8.57 8.62
C ALA B 92 -5.02 9.02 8.14
N VAL B 93 -4.44 8.21 7.28
CA VAL B 93 -3.28 8.63 6.54
C VAL B 93 -3.76 9.25 5.23
N TYR B 94 -3.13 10.35 4.86
CA TYR B 94 -3.41 11.03 3.60
C TYR B 94 -2.12 11.01 2.78
N TYR B 95 -2.19 10.39 1.59
CA TYR B 95 -1.07 10.32 0.65
C TYR B 95 -1.28 11.31 -0.53
N CYS B 96 -0.19 11.93 -1.00
CA CYS B 96 -0.16 12.64 -2.31
C CYS B 96 0.58 11.76 -3.31
N THR B 97 0.20 11.89 -4.56
CA THR B 97 0.95 11.24 -5.61
C THR B 97 0.79 12.10 -6.84
N ARG B 98 1.34 11.66 -7.96
CA ARG B 98 1.37 12.47 -9.18
C ARG B 98 0.99 11.70 -10.44
N ARG B 99 0.46 12.39 -11.44
CA ARG B 99 0.18 11.81 -12.75
C ARG B 99 0.79 12.70 -13.80
N GLU B 100 1.77 12.21 -14.58
CA GLU B 100 2.31 13.03 -15.70
C GLU B 100 1.21 13.43 -16.69
N VAL B 101 1.12 14.77 -16.93
CA VAL B 101 -0.13 15.46 -17.44
C VAL B 101 -0.31 15.48 -18.93
N TYR B 102 0.82 15.36 -19.60
CA TYR B 102 0.85 15.29 -21.00
C TYR B 102 0.48 13.90 -21.44
N GLY B 103 0.94 12.88 -20.74
CA GLY B 103 0.51 11.50 -20.99
C GLY B 103 1.62 10.48 -21.19
N ARG B 104 2.88 10.87 -20.99
CA ARG B 104 4.03 9.94 -21.07
C ARG B 104 3.81 8.68 -20.24
N ASN B 105 3.14 8.86 -19.10
CA ASN B 105 2.92 7.76 -18.18
C ASN B 105 1.54 7.16 -18.18
N TYR B 106 0.76 7.46 -19.20
CA TYR B 106 -0.63 7.08 -19.25
C TYR B 106 -1.30 7.72 -18.03
N TYR B 107 -1.96 6.91 -17.19
CA TYR B 107 -2.67 7.38 -16.02
C TYR B 107 -2.16 6.72 -14.69
N ALA B 108 -0.95 6.18 -14.81
CA ALA B 108 -0.07 5.94 -13.70
C ALA B 108 0.11 7.11 -12.77
N LEU B 109 -0.32 6.86 -11.53
CA LEU B 109 0.12 7.57 -10.33
C LEU B 109 1.43 6.89 -9.94
N ASP B 110 2.58 7.45 -10.33
CA ASP B 110 3.85 6.68 -10.32
C ASP B 110 4.80 6.81 -9.12
N TYR B 111 4.77 7.93 -8.40
CA TYR B 111 5.59 8.07 -7.21
C TYR B 111 4.69 8.63 -6.13
N TRP B 112 4.79 8.06 -4.94
CA TRP B 112 3.88 8.44 -3.86
C TRP B 112 4.59 9.11 -2.68
N GLY B 113 3.91 10.06 -2.07
CA GLY B 113 4.24 10.48 -0.70
C GLY B 113 4.40 9.36 0.35
N GLN B 114 4.91 9.74 1.53
CA GLN B 114 5.11 8.79 2.62
C GLN B 114 3.88 8.77 3.54
N GLY B 115 3.01 9.76 3.37
CA GLY B 115 1.75 9.85 4.08
C GLY B 115 1.89 10.82 5.23
N THR B 116 0.78 11.45 5.58
CA THR B 116 0.71 12.28 6.77
C THR B 116 -0.42 11.69 7.63
N LEU B 117 -0.12 11.29 8.87
CA LEU B 117 -1.19 10.79 9.74
C LEU B 117 -1.95 11.93 10.48
N VAL B 118 -3.16 12.18 10.04
CA VAL B 118 -4.08 13.06 10.76
C VAL B 118 -4.84 12.25 11.80
N THR B 119 -4.73 12.68 13.05
CA THR B 119 -5.43 12.10 14.20
C THR B 119 -6.40 13.16 14.68
N VAL B 120 -7.67 12.85 14.87
CA VAL B 120 -8.67 13.89 15.20
C VAL B 120 -9.27 13.61 16.57
N SER B 121 -9.03 14.49 17.54
CA SER B 121 -9.31 14.19 18.95
C SER B 121 -9.54 15.41 19.86
N SER B 122 -10.52 15.33 20.77
CA SER B 122 -10.63 16.29 21.92
C SER B 122 -9.31 16.38 22.70
N ALA B 123 -8.66 15.26 22.94
CA ALA B 123 -7.56 15.17 23.89
C ALA B 123 -6.26 15.90 23.59
N SER B 124 -5.68 16.53 24.63
CA SER B 124 -4.31 17.09 24.56
C SER B 124 -3.32 16.08 24.08
N THR B 125 -2.24 16.51 23.44
CA THR B 125 -1.11 15.60 23.09
C THR B 125 -0.42 15.21 24.40
N LYS B 126 0.45 14.22 24.35
CA LYS B 126 1.19 13.77 25.50
C LYS B 126 2.43 12.91 25.10
N GLY B 127 3.58 13.29 25.60
CA GLY B 127 4.82 12.69 25.13
C GLY B 127 5.10 11.40 25.84
N PRO B 128 5.93 10.58 25.26
CA PRO B 128 6.24 9.29 25.85
C PRO B 128 7.26 9.37 26.95
N SER B 129 7.18 8.45 27.90
CA SER B 129 8.26 8.17 28.83
C SER B 129 8.99 7.01 28.21
N VAL B 130 10.28 6.87 28.49
CA VAL B 130 11.11 5.91 27.76
C VAL B 130 12.03 5.19 28.73
N PHE B 131 11.95 3.86 28.80
CA PHE B 131 12.62 3.09 29.85
C PHE B 131 13.46 1.96 29.27
N PRO B 132 14.73 1.86 29.67
CA PRO B 132 15.59 0.81 29.10
C PRO B 132 15.05 -0.56 29.30
N LEU B 133 15.28 -1.46 28.35
CA LEU B 133 15.04 -2.88 28.56
C LEU B 133 16.41 -3.52 28.64
N ALA B 134 16.88 -3.72 29.87
CA ALA B 134 18.23 -4.19 30.16
C ALA B 134 18.42 -5.65 29.79
N PRO B 135 19.64 -6.06 29.37
CA PRO B 135 20.00 -7.53 29.25
C PRO B 135 20.81 -8.16 30.43
N SER B 136 21.01 -9.49 30.49
CA SER B 136 22.19 -10.03 31.27
C SER B 136 23.48 -10.20 30.40
N THR B 144 23.00 -13.56 20.05
CA THR B 144 22.72 -14.37 21.26
C THR B 144 22.01 -13.51 22.33
N ALA B 145 22.27 -12.19 22.40
CA ALA B 145 21.78 -11.30 23.51
C ALA B 145 20.80 -10.18 23.15
N ALA B 146 19.57 -10.26 23.67
CA ALA B 146 18.47 -9.29 23.40
C ALA B 146 18.42 -8.07 24.33
N LEU B 147 18.20 -6.91 23.74
CA LEU B 147 17.96 -5.69 24.50
C LEU B 147 17.02 -4.77 23.73
N GLY B 148 16.52 -3.73 24.38
CA GLY B 148 15.59 -2.85 23.70
C GLY B 148 15.28 -1.65 24.55
N CYS B 149 14.11 -1.05 24.34
CA CYS B 149 13.70 0.10 25.10
C CYS B 149 12.18 0.39 24.83
N LEU B 150 11.48 0.80 25.88
CA LEU B 150 10.02 0.74 25.96
C LEU B 150 9.48 2.14 25.95
N VAL B 151 8.58 2.42 25.02
CA VAL B 151 8.07 3.77 24.79
C VAL B 151 6.62 3.81 25.25
N LYS B 152 6.41 4.37 26.44
CA LYS B 152 5.13 4.24 27.15
C LYS B 152 4.34 5.53 27.27
N ASP B 153 3.03 5.37 27.22
CA ASP B 153 2.05 6.42 27.58
C ASP B 153 2.23 7.67 26.77
N TYR B 154 1.95 7.56 25.47
CA TYR B 154 1.93 8.73 24.56
C TYR B 154 0.66 8.80 23.75
N PHE B 155 0.38 9.99 23.24
CA PHE B 155 -0.73 10.26 22.33
C PHE B 155 -0.46 11.50 21.45
N PRO B 156 -0.84 11.51 20.17
CA PRO B 156 -1.35 10.40 19.41
C PRO B 156 -0.23 9.71 18.73
N GLU B 157 -0.59 8.72 17.92
CA GLU B 157 0.35 8.08 17.03
C GLU B 157 0.76 9.22 16.11
N PRO B 158 2.04 9.22 15.70
CA PRO B 158 2.97 8.11 15.87
C PRO B 158 4.33 8.48 16.47
N VAL B 159 5.23 7.52 16.49
CA VAL B 159 6.48 7.66 17.19
C VAL B 159 7.49 6.99 16.30
N THR B 160 8.71 7.48 16.29
CA THR B 160 9.74 6.93 15.40
C THR B 160 10.90 6.55 16.29
N VAL B 161 11.44 5.38 16.09
CA VAL B 161 12.45 4.83 16.98
C VAL B 161 13.58 4.34 16.09
N SER B 162 14.74 4.99 16.20
CA SER B 162 16.01 4.51 15.58
C SER B 162 16.97 4.07 16.68
N TRP B 163 18.09 3.48 16.29
CA TRP B 163 19.15 3.08 17.20
C TRP B 163 20.54 3.58 16.78
N ASN B 164 21.23 4.25 17.69
CA ASN B 164 22.58 4.78 17.42
C ASN B 164 22.40 5.70 16.20
N SER B 165 21.48 6.63 16.30
CA SER B 165 21.14 7.53 15.23
C SER B 165 21.04 6.97 13.80
N GLY B 166 20.60 5.74 13.64
CA GLY B 166 20.44 5.12 12.31
C GLY B 166 21.43 4.00 12.04
N ALA B 167 22.55 4.01 12.74
CA ALA B 167 23.62 3.08 12.50
C ALA B 167 23.26 1.68 12.82
N LEU B 168 22.52 1.44 13.90
CA LEU B 168 22.09 0.07 14.24
C LEU B 168 20.72 -0.16 13.58
N THR B 169 20.64 -1.19 12.71
CA THR B 169 19.35 -1.52 12.04
C THR B 169 19.19 -3.01 11.89
N SER B 170 20.27 -3.68 11.57
CA SER B 170 20.21 -5.10 11.52
C SER B 170 19.81 -5.63 12.91
N GLY B 171 18.92 -6.62 12.94
CA GLY B 171 18.45 -7.19 14.20
C GLY B 171 17.17 -6.56 14.82
N VAL B 172 16.95 -5.26 14.58
CA VAL B 172 15.87 -4.47 15.18
C VAL B 172 14.48 -5.01 14.90
N HIS B 173 13.64 -4.97 15.92
CA HIS B 173 12.20 -4.93 15.75
C HIS B 173 11.57 -3.73 16.53
N THR B 174 10.55 -3.13 15.94
CA THR B 174 9.81 -2.07 16.62
C THR B 174 8.33 -2.44 16.43
N PHE B 175 7.73 -2.83 17.51
CA PHE B 175 6.39 -3.36 17.53
C PHE B 175 5.37 -2.30 17.28
N PRO B 176 4.24 -2.69 16.77
CA PRO B 176 3.12 -1.80 16.72
C PRO B 176 2.69 -1.31 18.07
N ALA B 177 2.24 -0.08 18.09
CA ALA B 177 1.67 0.46 19.31
C ALA B 177 0.38 -0.32 19.67
N VAL B 178 0.12 -0.46 20.96
CA VAL B 178 -1.20 -0.89 21.44
C VAL B 178 -1.79 0.16 22.35
N LEU B 179 -3.11 0.26 22.30
CA LEU B 179 -3.81 1.08 23.26
C LEU B 179 -3.84 0.41 24.62
N GLN B 180 -3.55 1.18 25.65
CA GLN B 180 -3.67 0.74 27.01
C GLN B 180 -5.03 1.23 27.47
N SER B 181 -5.58 0.57 28.50
CA SER B 181 -6.83 1.00 29.15
C SER B 181 -6.72 2.46 29.60
N SER B 182 -5.48 2.92 29.79
CA SER B 182 -5.23 4.30 30.17
C SER B 182 -5.64 5.32 29.15
N GLY B 183 -5.89 4.88 27.92
CA GLY B 183 -6.23 5.79 26.81
C GLY B 183 -5.06 6.06 25.86
N LEU B 184 -3.85 5.76 26.29
CA LEU B 184 -2.64 6.14 25.59
C LEU B 184 -1.99 4.97 24.93
N TYR B 185 -1.13 5.30 23.96
CA TYR B 185 -0.34 4.31 23.23
C TYR B 185 0.93 3.93 23.98
N SER B 186 1.34 2.67 23.82
CA SER B 186 2.66 2.22 24.21
C SER B 186 3.20 1.10 23.31
N LEU B 187 4.52 0.97 23.27
CA LEU B 187 5.24 0.20 22.23
C LEU B 187 6.62 -0.09 22.68
N SER B 188 7.15 -1.24 22.35
CA SER B 188 8.54 -1.50 22.72
C SER B 188 9.32 -1.59 21.41
N SER B 189 10.62 -1.41 21.48
CA SER B 189 11.49 -1.60 20.34
C SER B 189 12.67 -2.40 20.81
N VAL B 190 12.81 -3.61 20.34
CA VAL B 190 13.98 -4.42 20.70
C VAL B 190 15.08 -4.45 19.61
N VAL B 191 16.18 -5.16 19.87
CA VAL B 191 17.26 -5.48 18.90
C VAL B 191 18.05 -6.68 19.41
N THR B 192 18.46 -7.60 18.53
CA THR B 192 19.34 -8.69 18.96
C THR B 192 20.71 -8.25 18.52
N VAL B 193 21.66 -8.34 19.46
CA VAL B 193 23.09 -8.15 19.23
C VAL B 193 23.81 -9.38 19.82
N PRO B 194 25.11 -9.54 19.46
CA PRO B 194 25.81 -10.75 19.91
C PRO B 194 26.37 -10.52 21.32
N SER B 195 26.28 -11.55 22.18
CA SER B 195 26.55 -11.37 23.63
C SER B 195 27.76 -10.47 23.87
N SER B 196 28.89 -10.83 23.28
CA SER B 196 30.17 -10.13 23.48
C SER B 196 30.22 -8.59 23.30
N SER B 197 29.37 -8.00 22.46
CA SER B 197 29.45 -6.53 22.16
C SER B 197 29.01 -5.60 23.32
N LEU B 198 28.29 -6.18 24.29
CA LEU B 198 27.87 -5.51 25.53
C LEU B 198 29.13 -5.20 26.30
N GLY B 199 29.43 -3.93 26.45
CA GLY B 199 30.72 -3.55 27.02
C GLY B 199 31.50 -2.78 25.99
N THR B 200 31.75 -3.37 24.82
CA THR B 200 32.40 -2.57 23.78
C THR B 200 31.44 -1.58 23.07
N GLN B 201 30.14 -1.89 22.86
CA GLN B 201 29.25 -0.95 22.13
C GLN B 201 28.13 -0.32 22.98
N THR B 202 28.10 1.01 22.88
CA THR B 202 27.03 1.88 23.29
C THR B 202 25.75 1.70 22.44
N TYR B 203 24.66 1.34 23.11
CA TYR B 203 23.37 1.20 22.45
C TYR B 203 22.42 2.24 22.97
N ILE B 204 21.99 3.13 22.09
CA ILE B 204 21.05 4.18 22.44
C ILE B 204 19.87 4.16 21.46
N CYS B 205 18.67 3.95 21.98
CA CYS B 205 17.44 4.14 21.22
C CYS B 205 17.02 5.65 21.19
N ASN B 206 16.72 6.17 20.01
CA ASN B 206 16.42 7.60 19.76
C ASN B 206 14.97 7.64 19.39
N VAL B 207 14.19 8.43 20.11
CA VAL B 207 12.75 8.28 20.11
C VAL B 207 12.22 9.64 19.86
N ASN B 208 11.66 9.86 18.69
CA ASN B 208 11.04 11.13 18.39
C ASN B 208 9.49 10.95 18.50
N HIS B 209 8.78 11.97 18.93
CA HIS B 209 7.31 11.95 18.92
C HIS B 209 6.90 13.32 18.48
N LYS B 210 6.73 13.44 17.16
CA LYS B 210 6.62 14.78 16.59
C LYS B 210 5.50 15.64 17.25
N PRO B 211 4.32 15.09 17.53
CA PRO B 211 3.23 16.00 17.93
C PRO B 211 3.32 16.60 19.31
N SER B 212 4.36 16.29 20.07
CA SER B 212 4.55 16.85 21.40
C SER B 212 5.95 17.46 21.55
N ASN B 213 6.53 17.89 20.44
CA ASN B 213 7.98 18.05 20.31
C ASN B 213 8.85 17.28 21.29
N THR B 214 8.66 15.96 21.42
CA THR B 214 9.42 15.15 22.37
C THR B 214 10.47 14.30 21.70
N LYS B 215 11.74 14.56 21.96
CA LYS B 215 12.81 13.62 21.56
C LYS B 215 13.52 13.20 22.82
N VAL B 216 14.17 12.05 22.75
CA VAL B 216 14.73 11.37 23.89
C VAL B 216 15.75 10.39 23.38
N ASP B 217 16.91 10.30 24.03
CA ASP B 217 17.95 9.38 23.58
C ASP B 217 18.39 8.55 24.77
N LYS B 218 17.75 7.42 25.00
CA LYS B 218 18.03 6.64 26.20
C LYS B 218 19.13 5.58 26.05
N LYS B 219 20.27 5.70 26.75
CA LYS B 219 21.30 4.62 26.73
C LYS B 219 20.77 3.34 27.43
N VAL B 220 21.30 2.20 27.05
CA VAL B 220 20.87 0.94 27.59
C VAL B 220 22.09 0.12 28.03
N GLU B 221 22.33 0.14 29.35
CA GLU B 221 23.47 -0.54 29.98
C GLU B 221 22.97 -1.89 30.55
N PRO B 222 23.86 -2.89 30.73
CA PRO B 222 23.41 -4.16 31.38
C PRO B 222 23.25 -4.12 32.91
N LYS B 223 22.67 -5.22 33.44
CA LYS B 223 22.36 -5.36 34.89
C LYS B 223 23.36 -6.29 35.56
N GLU C 1 7.39 21.53 -21.91
CA GLU C 1 7.66 20.38 -22.84
C GLU C 1 6.41 19.57 -23.19
N PRO C 2 5.25 20.25 -23.52
CA PRO C 2 4.18 19.43 -24.12
C PRO C 2 4.79 18.46 -25.14
N PRO C 3 4.42 17.16 -25.14
CA PRO C 3 5.24 16.27 -25.93
C PRO C 3 5.00 16.52 -27.43
N THR C 4 6.07 16.43 -28.19
CA THR C 4 5.94 16.45 -29.62
C THR C 4 6.04 14.97 -29.97
N ALA C 5 4.97 14.43 -30.55
CA ALA C 5 4.77 12.98 -30.75
C ALA C 5 4.59 12.16 -29.45
N CYS C 6 3.70 11.20 -29.57
CA CYS C 6 3.15 10.50 -28.46
C CYS C 6 3.77 9.10 -28.51
N ARG C 7 3.07 8.01 -28.20
CA ARG C 7 3.66 6.65 -28.03
C ARG C 7 2.98 5.75 -29.06
N GLU C 8 3.36 4.49 -29.19
CA GLU C 8 2.85 3.68 -30.33
C GLU C 8 1.31 3.48 -30.33
N LYS C 9 0.73 2.91 -29.28
CA LYS C 9 -0.72 2.73 -29.20
C LYS C 9 -1.37 3.97 -28.55
N GLN C 10 -0.79 5.17 -28.77
CA GLN C 10 -1.51 6.41 -28.44
C GLN C 10 -1.32 7.56 -29.43
N TYR C 11 -2.38 8.33 -29.65
CA TYR C 11 -2.34 9.59 -30.38
C TYR C 11 -2.22 10.87 -29.58
N LEU C 12 -1.90 11.96 -30.27
CA LEU C 12 -1.85 13.30 -29.68
C LEU C 12 -3.07 14.20 -30.04
N ILE C 13 -3.89 14.69 -29.08
CA ILE C 13 -4.69 15.95 -29.29
C ILE C 13 -4.19 17.17 -28.49
N ASN C 14 -4.17 18.33 -29.12
CA ASN C 14 -3.72 19.55 -28.47
C ASN C 14 -2.45 19.34 -27.57
N SER C 15 -2.41 19.74 -26.31
CA SER C 15 -1.17 19.50 -25.58
C SER C 15 -0.99 18.02 -25.14
N GLN C 16 -2.08 17.21 -25.14
CA GLN C 16 -2.09 15.90 -24.44
C GLN C 16 -2.17 14.60 -25.27
N CYS C 17 -1.58 13.57 -24.70
CA CYS C 17 -1.51 12.23 -25.23
C CYS C 17 -2.64 11.27 -24.74
N CYS C 18 -3.13 10.37 -25.61
CA CYS C 18 -4.31 9.52 -25.32
C CYS C 18 -4.20 8.11 -25.89
N SER C 19 -4.68 7.08 -25.19
CA SER C 19 -4.65 5.77 -25.81
C SER C 19 -5.51 5.81 -27.03
N LEU C 20 -5.07 5.08 -28.06
CA LEU C 20 -5.97 4.70 -29.13
C LEU C 20 -7.07 3.77 -28.62
N CYS C 21 -8.09 3.60 -29.45
CA CYS C 21 -9.10 2.58 -29.18
C CYS C 21 -8.60 1.25 -29.71
N GLN C 22 -9.08 0.17 -29.14
CA GLN C 22 -8.58 -1.12 -29.56
C GLN C 22 -9.29 -1.54 -30.84
N PRO C 23 -8.62 -2.39 -31.60
CA PRO C 23 -9.39 -3.08 -32.62
C PRO C 23 -10.68 -3.62 -32.03
N GLY C 24 -11.78 -3.39 -32.74
CA GLY C 24 -13.11 -3.79 -32.32
C GLY C 24 -13.82 -2.63 -31.67
N GLN C 25 -13.14 -1.47 -31.65
CA GLN C 25 -13.64 -0.30 -30.95
C GLN C 25 -13.55 1.00 -31.75
N LYS C 26 -14.53 1.88 -31.51
CA LYS C 26 -14.57 3.26 -32.06
C LYS C 26 -14.41 4.28 -30.97
N LEU C 27 -13.65 5.33 -31.29
CA LEU C 27 -13.65 6.56 -30.51
C LEU C 27 -15.02 7.20 -30.30
N VAL C 28 -15.27 7.46 -29.02
CA VAL C 28 -16.42 8.25 -28.59
C VAL C 28 -16.02 9.63 -28.10
N SER C 29 -15.06 9.68 -27.20
CA SER C 29 -14.68 10.91 -26.54
C SER C 29 -13.18 10.86 -26.25
N ASP C 30 -12.48 11.96 -26.45
CA ASP C 30 -11.01 11.93 -26.23
C ASP C 30 -10.71 11.83 -24.75
N CYS C 31 -9.48 11.42 -24.45
CA CYS C 31 -9.02 11.35 -23.08
C CYS C 31 -9.02 12.76 -22.42
N THR C 32 -9.30 12.81 -21.09
CA THR C 32 -9.21 14.04 -20.24
C THR C 32 -7.86 14.03 -19.50
N GLU C 33 -7.65 14.90 -18.51
CA GLU C 33 -6.41 14.89 -17.69
C GLU C 33 -6.62 13.88 -16.53
N PHE C 34 -7.87 13.43 -16.39
CA PHE C 34 -8.25 12.43 -15.40
C PHE C 34 -8.64 11.07 -15.99
N THR C 35 -9.59 11.02 -16.91
CA THR C 35 -10.00 9.73 -17.44
C THR C 35 -9.27 9.51 -18.77
N GLU C 36 -9.34 8.29 -19.29
CA GLU C 36 -8.73 7.90 -20.56
C GLU C 36 -9.81 7.69 -21.63
N THR C 37 -9.34 7.77 -22.87
CA THR C 37 -10.13 7.66 -24.08
C THR C 37 -11.32 6.72 -23.99
N GLU C 38 -12.51 7.26 -24.24
CA GLU C 38 -13.75 6.52 -24.08
C GLU C 38 -14.01 5.81 -25.40
N CYS C 39 -13.99 4.47 -25.41
CA CYS C 39 -14.24 3.72 -26.65
C CYS C 39 -15.49 2.89 -26.58
N LEU C 40 -15.88 2.35 -27.72
CA LEU C 40 -17.03 1.47 -27.77
C LEU C 40 -16.93 0.32 -28.75
N PRO C 41 -17.50 -0.82 -28.39
CA PRO C 41 -17.69 -1.95 -29.28
C PRO C 41 -18.31 -1.60 -30.65
N CYS C 42 -17.82 -2.26 -31.70
CA CYS C 42 -18.35 -2.11 -33.04
C CYS C 42 -19.78 -2.63 -33.25
N GLY C 43 -20.21 -3.68 -32.57
CA GLY C 43 -21.59 -4.18 -32.80
C GLY C 43 -21.92 -4.90 -34.13
N GLU C 44 -22.97 -5.73 -34.03
CA GLU C 44 -23.33 -6.87 -34.95
C GLU C 44 -22.52 -7.01 -36.22
N SER C 45 -22.63 -6.03 -37.10
CA SER C 45 -22.17 -6.25 -38.46
C SER C 45 -21.32 -5.11 -38.97
N GLU C 46 -20.53 -4.56 -38.07
CA GLU C 46 -19.48 -3.68 -38.49
C GLU C 46 -18.20 -4.11 -37.79
N PHE C 47 -17.09 -3.60 -38.32
CA PHE C 47 -15.78 -4.03 -37.92
C PHE C 47 -14.75 -2.90 -37.96
N LEU C 48 -13.71 -3.00 -37.15
CA LEU C 48 -12.59 -2.09 -37.26
C LEU C 48 -11.31 -2.82 -36.83
N ASP C 49 -10.35 -2.89 -37.74
CA ASP C 49 -9.26 -3.88 -37.63
C ASP C 49 -7.94 -3.32 -37.09
N THR C 50 -7.97 -2.30 -36.26
CA THR C 50 -6.76 -1.53 -36.04
C THR C 50 -6.83 -0.66 -34.79
N TRP C 51 -5.68 -0.36 -34.21
CA TRP C 51 -5.65 0.62 -33.13
C TRP C 51 -5.95 1.95 -33.82
N ASN C 52 -6.97 2.67 -33.36
CA ASN C 52 -7.65 3.69 -34.15
C ASN C 52 -8.20 4.80 -33.32
N ARG C 53 -8.27 6.03 -33.87
CA ARG C 53 -9.06 7.11 -33.25
C ARG C 53 -10.25 7.46 -34.15
N GLU C 54 -10.94 6.44 -34.65
CA GLU C 54 -11.98 6.60 -35.67
C GLU C 54 -13.34 6.66 -35.03
N THR C 55 -14.24 7.49 -35.59
CA THR C 55 -15.58 7.77 -34.99
C THR C 55 -16.73 6.79 -35.32
N HIS C 56 -16.53 6.00 -36.37
CA HIS C 56 -17.46 4.99 -36.88
C HIS C 56 -16.63 3.70 -37.20
N CYS C 57 -17.22 2.53 -36.95
CA CYS C 57 -16.67 1.28 -37.43
C CYS C 57 -17.10 1.09 -38.89
N HIS C 58 -16.21 0.52 -39.73
CA HIS C 58 -16.51 0.15 -41.15
C HIS C 58 -17.53 -1.00 -41.28
N GLN C 59 -18.30 -1.00 -42.37
CA GLN C 59 -19.40 -1.97 -42.55
C GLN C 59 -18.89 -3.31 -43.09
N HIS C 60 -19.41 -4.42 -42.56
CA HIS C 60 -18.97 -5.73 -43.09
C HIS C 60 -19.28 -5.72 -44.56
N LYS C 61 -18.33 -6.13 -45.41
CA LYS C 61 -18.54 -6.18 -46.88
C LYS C 61 -19.84 -6.93 -47.23
N TYR C 62 -20.55 -6.50 -48.28
CA TYR C 62 -21.78 -7.23 -48.71
C TYR C 62 -21.45 -8.31 -49.73
N CYS C 63 -21.75 -9.54 -49.33
CA CYS C 63 -21.41 -10.74 -50.09
C CYS C 63 -22.69 -11.06 -50.83
N ASP C 64 -22.68 -10.79 -52.15
CA ASP C 64 -23.89 -10.40 -52.92
C ASP C 64 -24.60 -11.53 -53.73
N PRO C 65 -25.78 -12.07 -53.27
CA PRO C 65 -26.28 -13.27 -53.98
C PRO C 65 -26.25 -13.13 -55.52
N ASN C 66 -26.76 -12.00 -56.01
CA ASN C 66 -26.98 -11.78 -57.46
C ASN C 66 -25.77 -11.17 -58.21
N LEU C 67 -24.53 -11.38 -57.75
CA LEU C 67 -23.32 -11.12 -58.61
C LEU C 67 -22.38 -12.39 -58.66
N GLY C 68 -22.97 -13.53 -58.26
CA GLY C 68 -22.30 -14.84 -58.24
C GLY C 68 -21.64 -15.25 -56.94
N LEU C 69 -22.10 -14.66 -55.81
CA LEU C 69 -21.30 -14.60 -54.54
C LEU C 69 -22.01 -15.23 -53.34
N ARG C 70 -21.22 -15.73 -52.38
CA ARG C 70 -21.73 -15.96 -51.02
C ARG C 70 -20.65 -15.74 -49.96
N VAL C 71 -21.15 -15.77 -48.72
CA VAL C 71 -20.36 -15.56 -47.49
C VAL C 71 -19.32 -16.67 -47.37
N GLN C 72 -18.05 -16.35 -47.64
CA GLN C 72 -17.00 -17.33 -47.41
C GLN C 72 -16.70 -17.41 -45.91
N GLN C 73 -16.17 -16.33 -45.35
CA GLN C 73 -15.97 -16.20 -43.91
C GLN C 73 -16.83 -15.06 -43.39
N LYS C 74 -17.63 -15.32 -42.34
CA LYS C 74 -18.34 -14.28 -41.59
C LYS C 74 -17.32 -13.28 -41.10
N GLY C 75 -17.65 -12.00 -41.19
CA GLY C 75 -16.81 -10.98 -40.58
C GLY C 75 -17.07 -10.93 -39.06
N THR C 76 -16.25 -10.14 -38.39
CA THR C 76 -16.43 -9.83 -37.00
C THR C 76 -15.75 -8.50 -36.76
N SER C 77 -15.89 -7.98 -35.56
CA SER C 77 -15.25 -6.72 -35.15
C SER C 77 -13.77 -6.47 -35.51
N GLU C 78 -12.91 -7.47 -35.57
CA GLU C 78 -11.52 -7.20 -35.98
C GLU C 78 -11.31 -7.34 -37.52
N THR C 79 -12.21 -8.03 -38.22
CA THR C 79 -11.84 -8.72 -39.49
C THR C 79 -12.37 -8.20 -40.83
N ASP C 80 -13.69 -8.11 -40.98
CA ASP C 80 -14.37 -7.94 -42.29
C ASP C 80 -14.81 -9.29 -42.82
N THR C 81 -15.98 -9.31 -43.46
CA THR C 81 -16.48 -10.48 -44.15
C THR C 81 -15.62 -10.69 -45.40
N ILE C 82 -15.39 -11.97 -45.74
CA ILE C 82 -14.59 -12.40 -46.93
C ILE C 82 -15.53 -13.07 -47.93
N CYS C 83 -15.40 -12.69 -49.21
N CYS C 83 -15.40 -12.69 -49.21
CA CYS C 83 -16.30 -13.13 -50.27
CA CYS C 83 -16.30 -13.13 -50.27
C CYS C 83 -15.70 -14.16 -51.23
C CYS C 83 -15.70 -14.16 -51.23
N THR C 84 -16.45 -15.22 -51.52
CA THR C 84 -16.05 -16.20 -52.58
C THR C 84 -17.28 -16.64 -53.40
N CYS C 85 -17.06 -16.91 -54.70
CA CYS C 85 -18.16 -17.20 -55.68
C CYS C 85 -18.84 -18.58 -55.44
N GLU C 86 -19.93 -18.82 -56.18
CA GLU C 86 -20.51 -20.17 -56.30
C GLU C 86 -19.78 -20.97 -57.43
N GLU C 87 -20.06 -22.27 -57.56
CA GLU C 87 -19.06 -23.28 -58.02
C GLU C 87 -18.33 -23.12 -59.39
N GLY C 88 -18.81 -23.71 -60.48
CA GLY C 88 -18.08 -23.70 -61.79
C GLY C 88 -17.52 -22.35 -62.25
N TRP C 89 -18.14 -21.28 -61.74
CA TRP C 89 -17.62 -19.90 -61.77
C TRP C 89 -16.35 -19.72 -60.87
N HIS C 90 -15.15 -19.48 -61.43
CA HIS C 90 -13.94 -19.01 -60.64
C HIS C 90 -13.96 -17.44 -60.54
N CYS C 91 -13.60 -16.85 -59.38
CA CYS C 91 -13.59 -15.36 -59.12
C CYS C 91 -12.70 -14.49 -60.08
N THR C 92 -13.15 -13.31 -60.54
CA THR C 92 -12.34 -12.46 -61.52
C THR C 92 -11.00 -11.89 -60.95
N SER C 93 -10.82 -11.87 -59.62
CA SER C 93 -9.48 -11.66 -58.98
C SER C 93 -9.54 -12.13 -57.49
N GLU C 94 -8.50 -11.85 -56.70
CA GLU C 94 -8.46 -12.21 -55.24
C GLU C 94 -9.69 -11.66 -54.54
N ALA C 95 -9.81 -10.32 -54.60
CA ALA C 95 -10.92 -9.57 -53.98
C ALA C 95 -12.34 -10.08 -54.36
N CYS C 96 -12.47 -10.74 -55.51
CA CYS C 96 -13.61 -11.61 -55.81
C CYS C 96 -15.00 -10.86 -55.72
N GLU C 97 -15.32 -10.14 -56.83
CA GLU C 97 -16.69 -9.62 -57.17
C GLU C 97 -17.36 -10.24 -58.44
N SER C 98 -16.62 -10.48 -59.53
CA SER C 98 -17.20 -11.10 -60.78
C SER C 98 -16.74 -12.57 -60.99
N CYS C 99 -17.40 -13.35 -61.88
CA CYS C 99 -17.30 -14.87 -61.93
C CYS C 99 -17.69 -15.65 -63.28
N VAL C 100 -16.76 -16.23 -64.08
CA VAL C 100 -17.08 -17.24 -65.20
C VAL C 100 -16.21 -18.52 -65.05
#